data_2FVN
#
_entry.id   2FVN
#
_entity_poly.entity_id   1
_entity_poly.type   'polypeptide(L)'
_entity_poly.pdbx_seq_one_letter_code
;MRGSHHHHHHGSAELHLESRGGSGTQLRDGAKVATGRIICREAHTGFHVWMNERQVDGRAERYVVQSKDGRHELRVRTGG
DGWSPVKGEGGKGVSRPGQEEQVFFDVMADGNQDIAPGEYRFSVGGACVVPQEDNKQGFTPSGTTGTTKLTVT
;
_entity_poly.pdbx_strand_id   A
#
# COMPACT_ATOMS: atom_id res chain seq x y z
N SER A 12 -14.32 -3.39 12.21
CA SER A 12 -14.75 -3.36 10.78
C SER A 12 -13.62 -2.88 9.87
N ALA A 13 -13.41 -3.61 8.77
CA ALA A 13 -12.36 -3.27 7.82
C ALA A 13 -12.77 -3.65 6.40
N GLU A 14 -12.24 -2.92 5.43
CA GLU A 14 -12.55 -3.18 4.02
C GLU A 14 -11.45 -2.63 3.11
N LEU A 15 -10.42 -3.44 2.89
CA LEU A 15 -9.30 -3.04 2.03
C LEU A 15 -9.40 -3.72 0.68
N HIS A 16 -9.84 -2.96 -0.32
CA HIS A 16 -10.00 -3.49 -1.66
C HIS A 16 -9.30 -2.61 -2.70
N LEU A 17 -8.29 -3.15 -3.34
CA LEU A 17 -7.55 -2.43 -4.36
C LEU A 17 -8.27 -2.50 -5.70
N GLU A 18 -7.91 -1.59 -6.61
CA GLU A 18 -8.53 -1.56 -7.93
C GLU A 18 -7.58 -0.97 -8.97
N SER A 19 -7.13 -1.82 -9.89
CA SER A 19 -6.22 -1.38 -10.94
C SER A 19 -6.99 -1.06 -12.22
N ARG A 20 -7.39 0.20 -12.36
CA ARG A 20 -8.14 0.64 -13.54
C ARG A 20 -7.39 0.32 -14.83
N GLY A 21 -6.07 0.23 -14.74
CA GLY A 21 -5.27 -0.07 -15.91
C GLY A 21 -4.48 -1.36 -15.77
N GLY A 22 -4.52 -2.19 -16.80
CA GLY A 22 -3.80 -3.44 -16.78
C GLY A 22 -2.31 -3.26 -16.54
N SER A 23 -1.57 -3.20 -17.63
CA SER A 23 -0.13 -3.02 -17.55
C SER A 23 0.50 -2.96 -18.94
N GLY A 24 1.78 -2.62 -18.98
CA GLY A 24 2.50 -2.53 -20.25
C GLY A 24 2.00 -1.41 -21.14
N THR A 25 1.29 -0.45 -20.55
CA THR A 25 0.76 0.68 -21.28
C THR A 25 1.70 1.88 -21.13
N GLN A 26 2.99 1.59 -20.96
CA GLN A 26 3.98 2.63 -20.78
C GLN A 26 3.63 3.46 -19.55
N LEU A 27 4.23 3.10 -18.43
CA LEU A 27 3.97 3.76 -17.15
C LEU A 27 4.68 5.12 -17.06
N ARG A 28 3.90 6.19 -16.88
CA ARG A 28 4.46 7.53 -16.75
C ARG A 28 5.11 7.65 -15.40
N ASP A 29 6.22 8.37 -15.37
CA ASP A 29 7.00 8.54 -14.17
C ASP A 29 6.24 8.45 -12.89
N GLY A 30 5.00 8.86 -12.84
CA GLY A 30 4.27 8.79 -11.59
C GLY A 30 3.04 7.91 -11.74
N ALA A 31 2.16 8.25 -12.71
CA ALA A 31 0.92 7.52 -12.97
C ALA A 31 0.78 6.25 -12.17
N LYS A 32 -0.16 6.35 -11.28
CA LYS A 32 -0.50 5.30 -10.38
C LYS A 32 -1.03 4.07 -11.12
N VAL A 33 -1.80 3.27 -10.40
CA VAL A 33 -2.39 2.06 -10.97
C VAL A 33 -3.47 1.51 -10.05
N ALA A 34 -3.05 1.08 -8.85
CA ALA A 34 -3.98 0.51 -7.88
C ALA A 34 -4.29 1.46 -6.72
N THR A 35 -5.54 1.90 -6.65
CA THR A 35 -5.95 2.80 -5.57
C THR A 35 -7.01 2.14 -4.68
N GLY A 36 -6.56 1.50 -3.60
CA GLY A 36 -7.48 0.83 -2.68
C GLY A 36 -8.14 1.79 -1.71
N ARG A 37 -8.65 1.26 -0.60
CA ARG A 37 -9.31 2.08 0.41
C ARG A 37 -9.36 1.40 1.77
N ILE A 38 -9.09 2.20 2.80
CA ILE A 38 -9.12 1.70 4.16
C ILE A 38 -10.33 2.27 4.91
N ILE A 39 -10.80 1.55 5.93
CA ILE A 39 -11.95 1.98 6.72
C ILE A 39 -11.73 1.68 8.20
N CYS A 40 -11.95 2.69 9.04
CA CYS A 40 -11.76 2.54 10.48
C CYS A 40 -12.99 2.93 11.29
N ARG A 41 -12.78 3.17 12.60
CA ARG A 41 -13.85 3.56 13.51
C ARG A 41 -13.39 3.43 14.97
N GLU A 42 -12.14 3.79 15.26
CA GLU A 42 -11.62 3.70 16.62
C GLU A 42 -10.65 4.85 16.91
N ALA A 43 -10.27 5.00 18.18
CA ALA A 43 -9.37 6.06 18.60
C ALA A 43 -7.94 5.87 18.09
N HIS A 44 -7.55 6.75 17.17
CA HIS A 44 -6.21 6.72 16.58
C HIS A 44 -6.06 7.87 15.60
N THR A 45 -4.84 8.17 15.17
CA THR A 45 -4.62 9.25 14.25
C THR A 45 -3.92 8.77 12.98
N GLY A 46 -4.25 7.56 12.52
CA GLY A 46 -3.58 7.08 11.32
C GLY A 46 -4.17 5.83 10.70
N PHE A 47 -4.01 5.74 9.38
CA PHE A 47 -4.43 4.58 8.60
C PHE A 47 -3.17 3.80 8.28
N HIS A 48 -3.15 2.52 8.57
CA HIS A 48 -1.95 1.72 8.36
C HIS A 48 -2.11 0.73 7.21
N VAL A 49 -1.40 0.98 6.10
CA VAL A 49 -1.47 0.09 4.93
C VAL A 49 -0.10 -0.39 4.45
N TRP A 50 -0.09 -1.50 3.71
CA TRP A 50 1.16 -2.08 3.19
C TRP A 50 0.99 -2.58 1.74
N MET A 51 2.08 -3.05 1.15
CA MET A 51 2.08 -3.57 -0.22
C MET A 51 2.50 -5.05 -0.25
N ASN A 52 3.24 -5.47 0.78
CA ASN A 52 3.69 -6.87 0.88
C ASN A 52 4.83 -7.20 -0.09
N GLU A 53 5.32 -6.21 -0.82
CA GLU A 53 6.41 -6.43 -1.76
C GLU A 53 7.75 -6.03 -1.15
N ARG A 54 8.17 -6.75 -0.10
CA ARG A 54 9.42 -6.45 0.58
C ARG A 54 9.56 -4.94 0.75
N GLN A 55 10.79 -4.43 0.82
CA GLN A 55 10.98 -3.00 0.97
C GLN A 55 12.37 -2.54 0.56
N VAL A 56 12.45 -1.26 0.18
CA VAL A 56 13.69 -0.65 -0.24
C VAL A 56 14.17 0.33 0.84
N ASP A 57 15.44 0.22 1.22
CA ASP A 57 16.00 1.10 2.25
C ASP A 57 15.42 0.75 3.62
N GLY A 58 14.12 0.99 3.78
CA GLY A 58 13.48 0.68 5.04
C GLY A 58 12.56 1.80 5.53
N ARG A 59 11.50 2.07 4.77
CA ARG A 59 10.55 3.11 5.15
C ARG A 59 9.16 2.55 5.50
N ALA A 60 8.28 2.57 4.51
CA ALA A 60 6.88 2.11 4.63
C ALA A 60 6.01 2.99 3.73
N GLU A 61 6.59 4.12 3.37
CA GLU A 61 5.98 5.07 2.47
C GLU A 61 6.50 4.74 1.07
N ARG A 62 6.50 5.70 0.15
CA ARG A 62 7.02 5.46 -1.19
C ARG A 62 8.13 4.41 -1.19
N TYR A 63 7.88 3.27 -1.83
CA TYR A 63 8.86 2.17 -1.87
C TYR A 63 8.72 1.31 -3.12
N VAL A 64 9.84 1.08 -3.79
CA VAL A 64 9.83 0.37 -5.07
C VAL A 64 9.54 -1.12 -4.89
N VAL A 65 8.50 -1.55 -5.59
CA VAL A 65 8.04 -2.94 -5.56
C VAL A 65 8.54 -3.72 -6.76
N GLN A 66 8.54 -5.04 -6.62
CA GLN A 66 9.00 -5.91 -7.70
C GLN A 66 7.83 -6.62 -8.38
N SER A 67 8.14 -7.37 -9.42
CA SER A 67 7.12 -8.10 -10.17
C SER A 67 6.89 -9.48 -9.53
N LYS A 68 6.33 -10.40 -10.32
CA LYS A 68 6.06 -11.75 -9.83
C LYS A 68 7.04 -12.76 -10.39
N ASP A 69 7.57 -12.48 -11.59
CA ASP A 69 8.53 -13.36 -12.24
C ASP A 69 9.97 -12.98 -11.90
N GLY A 70 10.14 -12.23 -10.80
CA GLY A 70 11.47 -11.82 -10.37
C GLY A 70 12.39 -11.44 -11.53
N ARG A 71 12.11 -10.31 -12.18
CA ARG A 71 12.92 -9.85 -13.30
C ARG A 71 12.66 -8.37 -13.62
N HIS A 72 11.89 -7.70 -12.78
CA HIS A 72 11.59 -6.29 -13.00
C HIS A 72 10.94 -5.67 -11.78
N GLU A 73 11.01 -4.34 -11.68
CA GLU A 73 10.44 -3.62 -10.55
C GLU A 73 9.40 -2.60 -11.02
N LEU A 74 8.34 -2.45 -10.24
CA LEU A 74 7.28 -1.51 -10.57
C LEU A 74 7.16 -0.46 -9.48
N ARG A 75 7.78 0.69 -9.66
CA ARG A 75 7.74 1.72 -8.62
C ARG A 75 6.32 2.04 -8.20
N VAL A 76 6.18 2.63 -7.02
CA VAL A 76 4.88 3.00 -6.48
C VAL A 76 5.01 4.15 -5.48
N ARG A 77 3.90 4.85 -5.28
CA ARG A 77 3.82 5.95 -4.31
C ARG A 77 2.49 5.84 -3.59
N THR A 78 2.47 6.04 -2.28
CA THR A 78 1.20 5.93 -1.54
C THR A 78 1.32 6.28 -0.08
N GLY A 79 1.99 5.43 0.70
CA GLY A 79 2.15 5.68 2.13
C GLY A 79 2.98 6.89 2.44
N GLY A 80 3.18 7.72 1.45
CA GLY A 80 3.95 8.91 1.66
C GLY A 80 3.46 10.09 0.88
N ASP A 81 2.25 10.01 0.33
CA ASP A 81 1.70 11.17 -0.33
C ASP A 81 1.88 12.27 0.69
N GLY A 82 1.24 12.07 1.83
CA GLY A 82 1.33 12.98 2.95
C GLY A 82 1.16 12.19 4.25
N TRP A 83 1.07 10.86 4.11
CA TRP A 83 0.91 9.92 5.23
C TRP A 83 1.96 10.18 6.31
N SER A 84 2.03 9.28 7.27
CA SER A 84 3.00 9.39 8.36
C SER A 84 3.62 8.04 8.64
N PRO A 85 4.95 7.96 8.73
CA PRO A 85 5.64 6.70 9.00
C PRO A 85 5.23 6.11 10.33
N VAL A 86 4.65 4.92 10.28
CA VAL A 86 4.18 4.25 11.48
C VAL A 86 4.82 2.87 11.64
N LYS A 87 4.96 2.43 12.89
CA LYS A 87 5.56 1.12 13.17
C LYS A 87 4.67 -0.01 12.68
N GLY A 88 4.89 -0.44 11.45
CA GLY A 88 4.10 -1.51 10.87
C GLY A 88 4.91 -2.76 10.61
N GLU A 89 4.50 -3.86 11.22
CA GLU A 89 5.18 -5.14 11.07
C GLU A 89 5.51 -5.42 9.60
N GLY A 90 6.64 -6.07 9.35
CA GLY A 90 7.04 -6.36 7.99
C GLY A 90 7.62 -5.15 7.30
N GLY A 91 8.42 -4.38 8.02
CA GLY A 91 9.05 -3.20 7.45
C GLY A 91 8.05 -2.14 7.00
N LYS A 92 7.32 -2.42 5.92
CA LYS A 92 6.36 -1.48 5.38
C LYS A 92 5.20 -1.21 6.35
N GLY A 93 4.47 -0.11 6.10
CA GLY A 93 3.35 0.23 6.95
C GLY A 93 3.43 1.64 7.51
N VAL A 94 2.65 2.56 6.94
CA VAL A 94 2.61 3.94 7.43
C VAL A 94 1.18 4.43 7.48
N SER A 95 0.94 5.41 8.34
CA SER A 95 -0.41 5.93 8.49
C SER A 95 -0.53 7.42 8.31
N ARG A 96 -1.62 7.75 7.66
CA ARG A 96 -2.05 9.09 7.39
C ARG A 96 -3.19 9.30 8.35
N PRO A 97 -3.81 10.47 8.43
CA PRO A 97 -4.95 10.60 9.31
C PRO A 97 -5.73 9.31 9.18
N GLY A 98 -6.15 8.74 10.28
CA GLY A 98 -6.86 7.49 10.23
C GLY A 98 -8.26 7.62 10.76
N GLN A 99 -8.39 8.26 11.93
CA GLN A 99 -9.69 8.49 12.56
C GLN A 99 -10.78 8.69 11.49
N GLU A 100 -10.31 9.08 10.31
CA GLU A 100 -11.17 9.25 9.15
C GLU A 100 -11.95 7.95 8.93
N GLU A 101 -13.21 8.05 8.51
CA GLU A 101 -14.01 6.84 8.29
C GLU A 101 -13.33 5.91 7.31
N GLN A 102 -12.78 6.47 6.25
CA GLN A 102 -12.12 5.67 5.25
C GLN A 102 -11.42 6.55 4.21
N VAL A 103 -10.20 6.15 3.81
CA VAL A 103 -9.46 6.88 2.80
C VAL A 103 -8.94 5.93 1.76
N PHE A 104 -9.30 6.15 0.50
CA PHE A 104 -8.79 5.28 -0.54
C PHE A 104 -7.45 5.83 -0.95
N PHE A 105 -6.39 5.04 -0.80
CA PHE A 105 -5.06 5.51 -1.12
C PHE A 105 -4.65 5.03 -2.50
N ASP A 106 -4.16 5.93 -3.32
CA ASP A 106 -3.72 5.57 -4.64
C ASP A 106 -2.24 5.21 -4.61
N VAL A 107 -1.84 4.27 -5.46
CA VAL A 107 -0.43 3.91 -5.53
C VAL A 107 0.15 4.46 -6.82
N MET A 108 0.97 5.50 -6.70
CA MET A 108 1.51 6.14 -7.89
C MET A 108 2.78 5.46 -8.35
N ALA A 109 2.66 4.79 -9.49
CA ALA A 109 3.76 4.06 -10.07
C ALA A 109 4.78 5.04 -10.62
N ASP A 110 5.92 5.13 -9.96
CA ASP A 110 6.94 6.07 -10.38
C ASP A 110 7.77 5.49 -11.53
N GLY A 111 7.09 5.35 -12.68
CA GLY A 111 7.71 4.76 -13.86
C GLY A 111 8.65 5.65 -14.64
N ASN A 112 8.15 6.33 -15.67
CA ASN A 112 8.98 7.20 -16.50
C ASN A 112 9.67 6.39 -17.60
N GLN A 113 8.89 5.96 -18.60
CA GLN A 113 9.40 5.19 -19.75
C GLN A 113 8.45 4.02 -20.08
N ASP A 114 8.67 2.89 -19.43
CA ASP A 114 7.85 1.70 -19.64
C ASP A 114 8.21 0.62 -18.64
N ILE A 115 7.21 -0.02 -18.05
CA ILE A 115 7.47 -1.06 -17.06
C ILE A 115 7.68 -2.42 -17.70
N ALA A 116 8.95 -2.83 -17.69
CA ALA A 116 9.37 -4.11 -18.27
C ALA A 116 8.24 -5.14 -18.29
N PRO A 117 8.06 -5.83 -19.44
CA PRO A 117 6.99 -6.84 -19.59
C PRO A 117 7.00 -7.86 -18.46
N GLY A 118 5.87 -8.55 -18.30
CA GLY A 118 5.76 -9.56 -17.26
C GLY A 118 4.57 -9.29 -16.36
N GLU A 119 4.55 -9.90 -15.19
CA GLU A 119 3.44 -9.70 -14.26
C GLU A 119 3.96 -9.26 -12.89
N TYR A 120 3.25 -8.31 -12.29
CA TYR A 120 3.62 -7.83 -10.96
C TYR A 120 2.49 -8.13 -9.99
N ARG A 121 2.83 -8.41 -8.74
CA ARG A 121 1.82 -8.70 -7.73
C ARG A 121 1.97 -7.75 -6.55
N PHE A 122 0.88 -7.10 -6.19
CA PHE A 122 0.91 -6.14 -5.08
C PHE A 122 -0.18 -6.45 -4.06
N SER A 123 0.21 -6.73 -2.83
CA SER A 123 -0.76 -7.06 -1.79
C SER A 123 -0.94 -5.94 -0.76
N VAL A 124 -2.17 -5.43 -0.70
CA VAL A 124 -2.57 -4.38 0.23
C VAL A 124 -2.84 -4.92 1.62
N GLY A 125 -3.12 -4.01 2.55
CA GLY A 125 -3.46 -4.40 3.90
C GLY A 125 -3.51 -3.23 4.84
N GLY A 126 -4.51 -2.38 4.63
CA GLY A 126 -4.68 -1.22 5.46
C GLY A 126 -5.49 -1.51 6.71
N ALA A 127 -4.83 -1.83 7.81
CA ALA A 127 -5.51 -2.16 9.05
C ALA A 127 -6.35 -1.00 9.55
N CYS A 128 -5.75 0.18 9.58
CA CYS A 128 -6.40 1.41 10.04
C CYS A 128 -6.18 1.61 11.54
N VAL A 129 -6.11 0.51 12.28
CA VAL A 129 -5.88 0.56 13.72
C VAL A 129 -4.42 0.28 14.06
N VAL A 130 -3.89 0.99 15.05
CA VAL A 130 -2.50 0.80 15.46
C VAL A 130 -2.39 0.56 16.96
N PRO A 131 -2.25 -0.71 17.38
CA PRO A 131 -2.14 -1.05 18.80
C PRO A 131 -0.92 -0.42 19.46
N GLN A 132 -1.08 0.07 20.69
CA GLN A 132 0.00 0.71 21.41
C GLN A 132 -0.12 0.44 22.91
N GLU A 133 0.88 0.90 23.67
CA GLU A 133 0.89 0.71 25.11
C GLU A 133 -0.28 1.43 25.76
N ASP A 134 -1.41 0.74 25.84
CA ASP A 134 -2.62 1.31 26.45
C ASP A 134 -2.99 0.57 27.72
N ASN A 135 -3.89 1.16 28.50
CA ASN A 135 -4.33 0.55 29.76
C ASN A 135 -5.21 -0.66 29.49
N LYS A 136 -6.37 -0.43 28.88
CA LYS A 136 -7.30 -1.51 28.57
C LYS A 136 -7.77 -1.43 27.12
N GLN A 137 -7.72 -2.56 26.43
CA GLN A 137 -8.14 -2.62 25.04
C GLN A 137 -8.02 -4.04 24.48
N GLY A 138 -8.85 -4.37 23.51
CA GLY A 138 -8.82 -5.69 22.91
C GLY A 138 -7.49 -5.98 22.25
N PHE A 139 -7.51 -6.80 21.21
CA PHE A 139 -6.29 -7.16 20.49
C PHE A 139 -6.59 -7.60 19.06
N THR A 140 -6.08 -6.84 18.09
CA THR A 140 -6.28 -7.16 16.69
C THR A 140 -5.05 -6.79 15.87
N PRO A 141 -3.99 -7.60 15.96
CA PRO A 141 -2.75 -7.37 15.26
C PRO A 141 -2.64 -8.22 14.00
N SER A 142 -3.42 -7.87 12.99
CA SER A 142 -3.43 -8.61 11.74
C SER A 142 -3.66 -7.68 10.55
N GLY A 143 -4.62 -6.77 10.70
CA GLY A 143 -4.91 -5.84 9.63
C GLY A 143 -5.37 -6.52 8.36
N THR A 144 -6.16 -5.81 7.57
CA THR A 144 -6.68 -6.33 6.32
C THR A 144 -5.59 -6.88 5.42
N THR A 145 -6.01 -7.52 4.32
CA THR A 145 -5.09 -8.03 3.31
C THR A 145 -5.70 -7.90 1.94
N GLY A 146 -4.87 -7.66 0.94
CA GLY A 146 -5.38 -7.53 -0.40
C GLY A 146 -4.32 -7.78 -1.44
N THR A 147 -4.78 -8.09 -2.63
CA THR A 147 -3.91 -8.37 -3.78
C THR A 147 -4.04 -7.26 -4.81
N THR A 148 -3.18 -7.27 -5.81
CA THR A 148 -3.20 -6.30 -6.91
C THR A 148 -2.04 -6.61 -7.83
N LYS A 149 -2.26 -7.36 -8.88
CA LYS A 149 -1.16 -7.70 -9.77
C LYS A 149 -1.31 -7.01 -11.13
N LEU A 150 -0.19 -6.48 -11.64
CA LEU A 150 -0.17 -5.79 -12.92
C LEU A 150 0.29 -6.73 -14.03
N THR A 151 -0.62 -7.04 -14.94
CA THR A 151 -0.31 -7.93 -16.05
C THR A 151 0.27 -7.16 -17.23
N VAL A 152 1.57 -7.30 -17.40
CA VAL A 152 2.28 -6.61 -18.48
C VAL A 152 2.60 -7.56 -19.62
N THR A 153 2.43 -7.08 -20.86
CA THR A 153 2.70 -7.89 -22.04
C THR A 153 2.89 -7.01 -23.27
#